data_5UJ4
#
_entry.id   5UJ4
#
_cell.length_a   57.140
_cell.length_b   59.130
_cell.length_c   77.380
_cell.angle_alpha   90.000
_cell.angle_beta   90.000
_cell.angle_gamma   90.000
#
_symmetry.space_group_name_H-M   'P 2 21 21'
#
loop_
_entity.id
_entity.type
_entity.pdbx_description
1 polymer 'Carbapenem-hydrolyzing beta-lactamase KPC'
2 non-polymer '(2R)-2-[(1S,2R)-1-carboxy-2-hydroxypropyl]-5-[(2R)-oxolan-2-yl]-2,3-dihydro-1,3-thiazole-4-carboxylic acid'
3 non-polymer GLYCEROL
4 water water
#
_entity_poly.entity_id   1
_entity_poly.type   'polypeptide(L)'
_entity_poly.pdbx_seq_one_letter_code
;MGSSHHHHHHSSGLVPRGSHMLTNLVAEPFAKLEQDFGGSIGVYAMDTGSGATVSYRAEERFPLCSSFKGFLAAAVLARS
QQQAGLLDTPIRYGKNALVPWSPISEKYLTTGMTVAELSAAAVQYSDNAAANLLLKELGGPAGLTAFMRSIGDTTFRLDR
WELELNSAIPGDARDTSSPRAVTESLQKLTLGSALAAPQRQQFVDWLKGNTTGNHRIRAAVPADWAVGDKTGTCGVYGTA
NDYAVVWPTGRAPIVLAVYTRAPNKDDKHSEAVIAAAARLALEGLGVNGQ
;
_entity_poly.pdbx_strand_id   A
#
loop_
_chem_comp.id
_chem_comp.type
_chem_comp.name
_chem_comp.formula
GOL non-polymer GLYCEROL 'C3 H8 O3'
SFR non-polymer '(2R)-2-[(1S,2R)-1-carboxy-2-hydroxypropyl]-5-[(2R)-oxolan-2-yl]-2,3-dihydro-1,3-thiazole-4-carboxylic acid' 'C12 H17 N O6 S'
#
# COMPACT_ATOMS: atom_id res chain seq x y z
N HIS A 20 16.70 -18.98 5.57
CA HIS A 20 16.09 -18.59 6.84
C HIS A 20 17.12 -17.92 7.74
N MET A 21 18.36 -17.80 7.26
CA MET A 21 19.43 -17.28 8.10
C MET A 21 19.21 -15.80 8.42
N LEU A 22 18.91 -14.99 7.40
CA LEU A 22 18.73 -13.56 7.65
C LEU A 22 17.52 -13.32 8.54
N THR A 23 16.46 -14.10 8.36
CA THR A 23 15.29 -14.00 9.23
C THR A 23 15.65 -14.30 10.68
N ASN A 24 16.50 -15.31 10.92
CA ASN A 24 16.87 -15.61 12.30
C ASN A 24 17.73 -14.51 12.91
N LEU A 25 18.47 -13.78 12.07
CA LEU A 25 19.35 -12.72 12.55
C LEU A 25 18.57 -11.65 13.30
N VAL A 26 17.38 -11.29 12.82
CA VAL A 26 16.61 -10.19 13.39
C VAL A 26 15.36 -10.68 14.11
N ALA A 27 15.22 -11.98 14.34
CA ALA A 27 14.03 -12.52 14.98
C ALA A 27 13.86 -11.96 16.39
N GLU A 28 14.92 -11.99 17.20
CA GLU A 28 14.79 -11.46 18.56
C GLU A 28 14.55 -9.95 18.59
N PRO A 29 15.25 -9.12 17.83
CA PRO A 29 14.90 -7.69 17.80
C PRO A 29 13.48 -7.40 17.32
N PHE A 30 12.95 -8.18 16.37
CA PHE A 30 11.55 -7.97 15.97
C PHE A 30 10.60 -8.31 17.11
N ALA A 31 10.86 -9.40 17.82
CA ALA A 31 10.00 -9.76 18.94
C ALA A 31 10.01 -8.69 20.02
N LYS A 32 11.17 -8.09 20.27
CA LYS A 32 11.25 -7.03 21.27
C LYS A 32 10.50 -5.79 20.80
N LEU A 33 10.60 -5.46 19.51
CA LEU A 33 9.91 -4.29 18.99
C LEU A 33 8.40 -4.45 19.13
N GLU A 34 7.86 -5.62 18.79
CA GLU A 34 6.42 -5.77 18.86
C GLU A 34 5.95 -5.93 20.31
N GLN A 35 6.80 -6.44 21.20
CA GLN A 35 6.46 -6.45 22.62
C GLN A 35 6.33 -5.03 23.16
N ASP A 36 7.27 -4.16 22.81
CA ASP A 36 7.21 -2.77 23.25
C ASP A 36 6.01 -2.04 22.64
N PHE A 37 5.69 -2.36 21.38
CA PHE A 37 4.52 -1.77 20.73
C PHE A 37 3.22 -2.24 21.37
N GLY A 38 3.18 -3.47 21.87
CA GLY A 38 1.97 -4.01 22.46
C GLY A 38 1.00 -4.63 21.47
N GLY A 39 1.48 -5.04 20.32
CA GLY A 39 0.63 -5.67 19.31
C GLY A 39 1.43 -6.62 18.46
N SER A 40 1.08 -6.68 17.18
CA SER A 40 1.71 -7.58 16.24
C SER A 40 2.28 -6.76 15.08
N ILE A 41 3.50 -7.13 14.67
CA ILE A 41 4.17 -6.49 13.54
C ILE A 41 4.49 -7.56 12.52
N GLY A 42 4.12 -7.32 11.27
CA GLY A 42 4.42 -8.20 10.17
C GLY A 42 5.29 -7.50 9.15
N VAL A 43 6.40 -8.15 8.78
CA VAL A 43 7.39 -7.53 7.91
C VAL A 43 7.83 -8.57 6.89
N TYR A 44 7.95 -8.14 5.64
CA TYR A 44 8.63 -8.91 4.62
C TYR A 44 9.46 -7.94 3.81
N ALA A 45 10.71 -8.28 3.56
CA ALA A 45 11.59 -7.41 2.79
C ALA A 45 12.41 -8.27 1.86
N MET A 46 12.59 -7.79 0.64
CA MET A 46 13.26 -8.55 -0.40
C MET A 46 14.32 -7.67 -1.05
N ASP A 47 15.57 -8.14 -1.05
CA ASP A 47 16.62 -7.51 -1.83
C ASP A 47 16.52 -8.07 -3.24
N THR A 48 16.13 -7.24 -4.21
CA THR A 48 15.89 -7.75 -5.56
C THR A 48 17.18 -8.08 -6.30
N GLY A 49 18.33 -7.62 -5.81
CA GLY A 49 19.58 -7.99 -6.43
C GLY A 49 19.99 -9.39 -6.01
N SER A 50 20.15 -9.60 -4.71
CA SER A 50 20.64 -10.87 -4.20
C SER A 50 19.54 -11.90 -4.01
N GLY A 51 18.29 -11.49 -3.98
CA GLY A 51 17.20 -12.39 -3.66
C GLY A 51 17.03 -12.67 -2.19
N ALA A 52 17.89 -12.13 -1.33
CA ALA A 52 17.75 -12.33 0.11
C ALA A 52 16.43 -11.74 0.59
N THR A 53 15.85 -12.41 1.58
CA THR A 53 14.60 -11.95 2.19
C THR A 53 14.72 -11.98 3.71
N VAL A 54 13.89 -11.14 4.34
CA VAL A 54 13.73 -11.11 5.79
C VAL A 54 12.23 -11.21 6.05
N SER A 55 11.85 -12.10 6.97
CA SER A 55 10.45 -12.35 7.28
C SER A 55 10.23 -12.25 8.79
N TYR A 56 9.09 -11.69 9.17
CA TYR A 56 8.62 -11.80 10.54
C TYR A 56 7.10 -11.69 10.47
N ARG A 57 6.38 -12.75 10.82
CA ARG A 57 4.93 -12.80 10.65
C ARG A 57 4.51 -12.41 9.25
N ALA A 58 5.34 -12.73 8.25
CA ALA A 58 5.12 -12.26 6.90
C ALA A 58 3.95 -12.94 6.21
N GLU A 59 3.49 -14.09 6.69
CA GLU A 59 2.37 -14.78 6.09
C GLU A 59 1.07 -14.62 6.87
N GLU A 60 1.09 -13.88 7.99
CA GLU A 60 -0.13 -13.58 8.72
C GLU A 60 -0.92 -12.50 7.99
N ARG A 61 -2.24 -12.55 8.14
CA ARG A 61 -3.11 -11.51 7.57
C ARG A 61 -3.14 -10.29 8.48
N PHE A 62 -3.06 -9.11 7.85
CA PHE A 62 -3.23 -7.82 8.51
C PHE A 62 -4.21 -6.99 7.68
N PRO A 63 -4.96 -6.09 8.32
CA PRO A 63 -5.85 -5.20 7.55
C PRO A 63 -5.06 -4.33 6.58
N LEU A 64 -5.59 -4.21 5.36
CA LEU A 64 -4.99 -3.34 4.36
C LEU A 64 -5.14 -1.87 4.71
N CYS A 65 -6.28 -1.50 5.29
CA CYS A 65 -6.63 -0.09 5.46
C CYS A 65 -6.42 0.64 4.14
N SER A 66 -5.90 1.86 4.19
CA SER A 66 -5.77 2.67 2.99
C SER A 66 -4.74 2.14 2.00
N SER A 67 -3.94 1.14 2.38
CA SER A 67 -2.87 0.69 1.51
C SER A 67 -3.41 -0.02 0.27
N PHE A 68 -4.68 -0.43 0.26
CA PHE A 68 -5.25 -0.99 -0.97
C PHE A 68 -5.26 0.01 -2.10
N LYS A 69 -5.20 1.31 -1.80
CA LYS A 69 -5.36 2.34 -2.82
C LYS A 69 -4.19 2.34 -3.80
N GLY A 70 -3.01 1.89 -3.38
CA GLY A 70 -1.92 1.73 -4.33
C GLY A 70 -2.22 0.66 -5.37
N PHE A 71 -2.68 -0.50 -4.90
CA PHE A 71 -3.04 -1.57 -5.84
C PHE A 71 -4.22 -1.17 -6.70
N LEU A 72 -5.14 -0.38 -6.16
CA LEU A 72 -6.25 0.16 -6.94
C LEU A 72 -5.75 0.97 -8.13
N ALA A 73 -4.79 1.87 -7.90
CA ALA A 73 -4.22 2.65 -8.99
C ALA A 73 -3.53 1.75 -10.02
N ALA A 74 -2.82 0.72 -9.54
CA ALA A 74 -2.21 -0.23 -10.48
C ALA A 74 -3.25 -0.94 -11.33
N ALA A 75 -4.40 -1.31 -10.73
CA ALA A 75 -5.46 -1.97 -11.50
C ALA A 75 -6.04 -1.03 -12.55
N VAL A 76 -6.17 0.25 -12.22
CA VAL A 76 -6.61 1.25 -13.20
C VAL A 76 -5.61 1.35 -14.35
N LEU A 77 -4.32 1.37 -14.02
CA LEU A 77 -3.32 1.43 -15.08
C LEU A 77 -3.35 0.18 -15.95
N ALA A 78 -3.55 -0.99 -15.35
CA ALA A 78 -3.68 -2.20 -16.14
C ALA A 78 -4.85 -2.10 -17.12
N ARG A 79 -6.00 -1.61 -16.64
N ARG A 79 -6.00 -1.61 -16.63
CA ARG A 79 -7.15 -1.48 -17.54
CA ARG A 79 -7.16 -1.45 -17.51
C ARG A 79 -6.91 -0.45 -18.63
C ARG A 79 -6.86 -0.48 -18.64
N SER A 80 -6.08 0.57 -18.36
CA SER A 80 -5.77 1.56 -19.38
C SER A 80 -4.96 0.99 -20.54
N GLN A 81 -4.28 -0.14 -20.32
CA GLN A 81 -3.58 -0.79 -21.42
C GLN A 81 -4.55 -1.29 -22.48
N GLN A 82 -5.77 -1.68 -22.07
CA GLN A 82 -6.78 -2.15 -22.99
C GLN A 82 -7.71 -1.04 -23.45
N GLN A 83 -8.16 -0.19 -22.52
N GLN A 83 -8.15 -0.19 -22.53
CA GLN A 83 -9.04 0.92 -22.85
CA GLN A 83 -9.05 0.93 -22.84
C GLN A 83 -8.18 2.18 -22.97
C GLN A 83 -8.19 2.19 -22.97
N ALA A 84 -7.77 2.48 -24.20
CA ALA A 84 -7.01 3.70 -24.44
C ALA A 84 -7.87 4.91 -24.13
N GLY A 85 -7.24 5.94 -23.59
CA GLY A 85 -7.98 7.11 -23.17
C GLY A 85 -8.66 7.00 -21.82
N LEU A 86 -8.50 5.88 -21.10
CA LEU A 86 -9.14 5.76 -19.81
C LEU A 86 -8.63 6.82 -18.84
N LEU A 87 -7.32 7.02 -18.81
CA LEU A 87 -6.73 7.90 -17.80
C LEU A 87 -7.19 9.34 -17.93
N ASP A 88 -7.45 9.80 -19.17
CA ASP A 88 -7.89 11.16 -19.39
C ASP A 88 -9.41 11.32 -19.36
N THR A 89 -10.14 10.26 -19.04
CA THR A 89 -11.60 10.35 -19.00
C THR A 89 -12.06 11.22 -17.84
N PRO A 90 -12.89 12.23 -18.09
CA PRO A 90 -13.40 13.06 -16.99
C PRO A 90 -14.51 12.35 -16.22
N ILE A 91 -14.43 12.45 -14.89
CA ILE A 91 -15.41 11.86 -13.98
C ILE A 91 -16.07 12.98 -13.19
N ARG A 92 -17.37 13.14 -13.37
CA ARG A 92 -18.15 14.09 -12.59
C ARG A 92 -18.86 13.36 -11.45
N TYR A 93 -18.99 14.04 -10.32
CA TYR A 93 -19.54 13.43 -9.13
C TYR A 93 -20.27 14.49 -8.33
N GLY A 94 -21.24 14.05 -7.53
CA GLY A 94 -21.99 14.92 -6.66
C GLY A 94 -21.46 14.94 -5.24
N LYS A 95 -22.08 15.80 -4.43
CA LYS A 95 -21.70 15.89 -3.03
C LYS A 95 -21.85 14.56 -2.31
N ASN A 96 -22.82 13.73 -2.74
CA ASN A 96 -23.02 12.42 -2.11
C ASN A 96 -21.88 11.45 -2.37
N ALA A 97 -21.01 11.73 -3.35
CA ALA A 97 -19.83 10.90 -3.56
C ALA A 97 -18.70 11.25 -2.59
N LEU A 98 -18.78 12.39 -1.91
CA LEU A 98 -17.73 12.74 -0.98
C LEU A 98 -17.81 11.86 0.27
N VAL A 99 -16.65 11.47 0.75
CA VAL A 99 -16.46 10.57 1.90
C VAL A 99 -15.55 11.37 2.83
N PRO A 100 -15.67 11.21 4.15
CA PRO A 100 -14.69 11.86 5.03
C PRO A 100 -13.26 11.55 4.61
N TRP A 101 -12.41 12.56 4.69
CA TRP A 101 -11.04 12.55 4.17
C TRP A 101 -11.01 12.36 2.65
N SER A 102 -11.39 13.44 1.97
CA SER A 102 -11.30 13.54 0.51
C SER A 102 -10.66 14.88 0.18
N PRO A 103 -9.38 15.05 0.54
CA PRO A 103 -8.79 16.40 0.50
C PRO A 103 -8.59 16.95 -0.89
N ILE A 104 -8.44 16.10 -1.90
CA ILE A 104 -8.31 16.56 -3.28
C ILE A 104 -9.66 16.65 -3.97
N SER A 105 -10.45 15.58 -3.85
N SER A 105 -10.43 15.56 -3.93
CA SER A 105 -11.77 15.52 -4.50
CA SER A 105 -11.64 15.49 -4.75
C SER A 105 -12.68 16.66 -4.06
C SER A 105 -12.68 16.51 -4.32
N GLU A 106 -12.59 17.05 -2.78
N GLU A 106 -12.66 16.94 -3.06
CA GLU A 106 -13.42 18.15 -2.30
CA GLU A 106 -13.58 18.00 -2.65
C GLU A 106 -13.19 19.44 -3.08
C GLU A 106 -13.28 19.32 -3.35
N LYS A 107 -12.02 19.58 -3.71
CA LYS A 107 -11.65 20.82 -4.39
C LYS A 107 -12.08 20.84 -5.85
N TYR A 108 -12.50 19.70 -6.40
CA TYR A 108 -12.94 19.59 -7.78
C TYR A 108 -14.38 19.12 -7.87
N LEU A 109 -15.14 19.21 -6.78
CA LEU A 109 -16.54 18.83 -6.78
C LEU A 109 -17.32 19.53 -7.89
N THR A 110 -17.07 20.81 -8.10
CA THR A 110 -17.83 21.58 -9.07
C THR A 110 -17.30 21.46 -10.49
N THR A 111 -16.20 20.73 -10.70
CA THR A 111 -15.59 20.60 -12.01
C THR A 111 -15.45 19.16 -12.50
N GLY A 112 -15.32 18.20 -11.58
CA GLY A 112 -14.91 16.85 -11.93
C GLY A 112 -13.40 16.73 -12.03
N MET A 113 -12.93 15.48 -12.13
CA MET A 113 -11.51 15.16 -12.24
C MET A 113 -11.34 14.01 -13.24
N THR A 114 -10.14 13.90 -13.82
CA THR A 114 -9.90 12.76 -14.67
C THR A 114 -9.59 11.50 -13.85
N VAL A 115 -9.71 10.35 -14.50
CA VAL A 115 -9.35 9.08 -13.86
C VAL A 115 -7.92 9.11 -13.34
N ALA A 116 -6.98 9.66 -14.13
CA ALA A 116 -5.59 9.75 -13.68
C ALA A 116 -5.44 10.63 -12.45
N GLU A 117 -6.17 11.74 -12.41
CA GLU A 117 -6.12 12.62 -11.24
C GLU A 117 -6.71 11.95 -10.01
N LEU A 118 -7.82 11.23 -10.19
CA LEU A 118 -8.38 10.46 -9.07
C LEU A 118 -7.39 9.42 -8.57
N SER A 119 -6.72 8.72 -9.49
CA SER A 119 -5.73 7.72 -9.10
C SER A 119 -4.59 8.35 -8.31
N ALA A 120 -4.04 9.47 -8.80
CA ALA A 120 -2.97 10.14 -8.07
C ALA A 120 -3.44 10.60 -6.71
N ALA A 121 -4.68 11.10 -6.61
CA ALA A 121 -5.19 11.54 -5.33
C ALA A 121 -5.35 10.38 -4.36
N ALA A 122 -5.85 9.24 -4.83
CA ALA A 122 -5.97 8.06 -3.99
C ALA A 122 -4.62 7.60 -3.48
N VAL A 123 -3.59 7.62 -4.35
CA VAL A 123 -2.27 7.14 -3.94
C VAL A 123 -1.58 8.13 -3.03
N GLN A 124 -1.57 9.42 -3.42
CA GLN A 124 -0.67 10.38 -2.80
C GLN A 124 -1.28 11.11 -1.62
N TYR A 125 -2.61 11.09 -1.49
CA TYR A 125 -3.30 11.75 -0.40
C TYR A 125 -4.30 10.82 0.29
N SER A 126 -4.40 9.57 -0.13
N SER A 126 -4.39 9.56 -0.11
CA SER A 126 -5.35 8.62 0.45
CA SER A 126 -5.36 8.62 0.45
C SER A 126 -6.80 9.07 0.28
C SER A 126 -6.79 9.14 0.33
N ASP A 127 -7.09 9.80 -0.78
CA ASP A 127 -8.40 10.41 -0.98
C ASP A 127 -9.49 9.34 -1.09
N ASN A 128 -10.48 9.40 -0.20
CA ASN A 128 -11.45 8.32 -0.10
C ASN A 128 -12.54 8.42 -1.17
N ALA A 129 -13.02 9.64 -1.48
CA ALA A 129 -13.98 9.75 -2.57
C ALA A 129 -13.38 9.27 -3.87
N ALA A 130 -12.12 9.63 -4.12
CA ALA A 130 -11.44 9.16 -5.33
C ALA A 130 -11.34 7.63 -5.33
N ALA A 131 -10.99 7.04 -4.19
CA ALA A 131 -10.87 5.59 -4.13
C ALA A 131 -12.20 4.91 -4.45
N ASN A 132 -13.29 5.39 -3.88
CA ASN A 132 -14.59 4.76 -4.14
C ASN A 132 -15.02 4.95 -5.59
N LEU A 133 -14.76 6.12 -6.16
CA LEU A 133 -15.07 6.35 -7.58
C LEU A 133 -14.30 5.38 -8.47
N LEU A 134 -13.03 5.15 -8.15
CA LEU A 134 -12.23 4.23 -8.96
C LEU A 134 -12.65 2.78 -8.74
N LEU A 135 -12.99 2.42 -7.50
CA LEU A 135 -13.53 1.09 -7.25
C LEU A 135 -14.77 0.85 -8.11
N LYS A 136 -15.65 1.86 -8.22
N LYS A 136 -15.64 1.85 -8.22
CA LYS A 136 -16.82 1.71 -9.08
CA LYS A 136 -16.83 1.71 -9.06
C LYS A 136 -16.41 1.42 -10.52
C LYS A 136 -16.46 1.39 -10.49
N GLU A 137 -15.38 2.12 -11.01
N GLU A 137 -15.46 2.10 -11.04
CA GLU A 137 -14.93 1.92 -12.39
CA GLU A 137 -15.05 1.83 -12.41
C GLU A 137 -14.35 0.53 -12.62
C GLU A 137 -14.56 0.40 -12.58
N LEU A 138 -13.86 -0.12 -11.57
CA LEU A 138 -13.27 -1.46 -11.67
C LEU A 138 -14.26 -2.58 -11.37
N GLY A 139 -15.49 -2.27 -10.97
CA GLY A 139 -16.41 -3.33 -10.59
C GLY A 139 -16.40 -3.66 -9.11
N GLY A 140 -15.99 -2.72 -8.27
CA GLY A 140 -16.07 -2.89 -6.84
C GLY A 140 -14.91 -3.68 -6.26
N PRO A 141 -15.00 -3.97 -4.95
CA PRO A 141 -13.95 -4.75 -4.28
C PRO A 141 -13.63 -6.07 -4.96
N ALA A 142 -14.63 -6.78 -5.49
CA ALA A 142 -14.34 -8.01 -6.22
C ALA A 142 -13.54 -7.75 -7.49
N GLY A 143 -13.75 -6.59 -8.12
CA GLY A 143 -12.98 -6.26 -9.31
C GLY A 143 -11.52 -6.02 -9.00
N LEU A 144 -11.23 -5.34 -7.88
CA LEU A 144 -9.83 -5.18 -7.48
C LEU A 144 -9.22 -6.52 -7.09
N THR A 145 -9.97 -7.33 -6.33
CA THR A 145 -9.48 -8.66 -5.96
C THR A 145 -9.17 -9.48 -7.21
N ALA A 146 -10.03 -9.39 -8.22
CA ALA A 146 -9.80 -10.10 -9.47
C ALA A 146 -8.50 -9.66 -10.13
N PHE A 147 -8.21 -8.35 -10.12
CA PHE A 147 -6.94 -7.89 -10.68
C PHE A 147 -5.76 -8.50 -9.93
N MET A 148 -5.83 -8.51 -8.60
CA MET A 148 -4.74 -9.09 -7.84
C MET A 148 -4.57 -10.59 -8.14
N ARG A 149 -5.69 -11.31 -8.31
CA ARG A 149 -5.57 -12.71 -8.72
C ARG A 149 -4.89 -12.84 -10.08
N SER A 150 -5.14 -11.88 -10.98
CA SER A 150 -4.60 -11.96 -12.33
C SER A 150 -3.08 -11.80 -12.36
N ILE A 151 -2.49 -11.21 -11.33
CA ILE A 151 -1.04 -11.11 -11.25
C ILE A 151 -0.42 -12.20 -10.38
N GLY A 152 -1.23 -13.12 -9.87
CA GLY A 152 -0.72 -14.25 -9.11
C GLY A 152 -0.80 -14.12 -7.61
N ASP A 153 -1.51 -13.12 -7.10
CA ASP A 153 -1.65 -12.91 -5.67
C ASP A 153 -2.92 -13.63 -5.23
N THR A 154 -2.76 -14.72 -4.48
CA THR A 154 -3.88 -15.50 -3.98
C THR A 154 -4.28 -15.14 -2.55
N THR A 155 -3.60 -14.19 -1.93
CA THR A 155 -3.83 -13.81 -0.54
C THR A 155 -4.71 -12.58 -0.41
N PHE A 156 -4.46 -11.57 -1.25
CA PHE A 156 -5.17 -10.30 -1.17
C PHE A 156 -6.68 -10.51 -1.24
N ARG A 157 -7.42 -9.83 -0.38
CA ARG A 157 -8.86 -9.75 -0.58
C ARG A 157 -9.37 -8.37 -0.17
N LEU A 158 -10.12 -7.73 -1.06
CA LEU A 158 -10.89 -6.55 -0.69
C LEU A 158 -12.35 -6.95 -0.75
N ASP A 159 -13.09 -6.55 0.27
CA ASP A 159 -14.47 -6.96 0.48
C ASP A 159 -15.44 -5.81 0.61
N ARG A 160 -14.99 -4.66 1.07
CA ARG A 160 -15.84 -3.52 1.37
C ARG A 160 -15.27 -2.26 0.75
N TRP A 161 -16.04 -1.18 0.86
CA TRP A 161 -15.69 0.13 0.33
C TRP A 161 -15.21 1.05 1.46
N GLU A 162 -14.74 2.25 1.10
CA GLU A 162 -14.46 3.24 2.12
C GLU A 162 -15.79 3.79 2.63
N LEU A 163 -15.94 3.94 3.95
CA LEU A 163 -14.91 3.75 4.99
C LEU A 163 -15.04 2.43 5.75
N GLU A 164 -16.03 1.62 5.38
CA GLU A 164 -16.31 0.39 6.14
C GLU A 164 -15.12 -0.57 6.20
N LEU A 165 -14.26 -0.54 5.19
CA LEU A 165 -13.14 -1.49 5.13
C LEU A 165 -12.09 -1.26 6.22
N ASN A 166 -12.20 -0.19 7.00
CA ASN A 166 -11.21 0.13 8.02
C ASN A 166 -11.52 -0.43 9.40
N SER A 167 -12.49 -1.36 9.52
CA SER A 167 -12.91 -1.80 10.85
C SER A 167 -11.83 -2.57 11.60
N ALA A 168 -10.96 -3.29 10.88
CA ALA A 168 -9.76 -3.91 11.47
C ALA A 168 -10.10 -4.85 12.63
N ILE A 169 -11.23 -5.54 12.53
CA ILE A 169 -11.71 -6.39 13.63
C ILE A 169 -10.75 -7.56 13.83
N PRO A 170 -10.33 -7.86 15.06
CA PRO A 170 -9.42 -8.99 15.30
C PRO A 170 -10.01 -10.30 14.78
N GLY A 171 -9.21 -11.02 13.98
CA GLY A 171 -9.62 -12.28 13.42
C GLY A 171 -10.40 -12.21 12.13
N ASP A 172 -10.83 -11.01 11.72
CA ASP A 172 -11.63 -10.83 10.50
C ASP A 172 -10.69 -10.81 9.29
N ALA A 173 -10.90 -11.72 8.35
CA ALA A 173 -10.09 -11.76 7.13
C ALA A 173 -10.54 -10.77 6.06
N ARG A 174 -11.70 -10.13 6.18
CA ARG A 174 -12.11 -9.17 5.16
C ARG A 174 -11.09 -8.05 5.05
N ASP A 175 -10.82 -7.63 3.81
CA ASP A 175 -9.98 -6.45 3.56
C ASP A 175 -8.59 -6.60 4.19
N THR A 176 -7.99 -7.77 3.96
CA THR A 176 -6.67 -8.06 4.49
C THR A 176 -5.77 -8.62 3.39
N SER A 177 -4.47 -8.59 3.67
CA SER A 177 -3.50 -9.39 2.95
C SER A 177 -2.37 -9.71 3.90
N SER A 178 -1.29 -10.32 3.38
CA SER A 178 -0.11 -10.57 4.20
C SER A 178 1.04 -9.70 3.75
N PRO A 179 2.00 -9.40 4.65
CA PRO A 179 3.17 -8.62 4.21
C PRO A 179 3.91 -9.26 3.04
N ARG A 180 4.05 -10.58 3.04
CA ARG A 180 4.73 -11.24 1.93
C ARG A 180 3.98 -11.04 0.61
N ALA A 181 2.65 -11.24 0.62
CA ALA A 181 1.89 -11.08 -0.61
C ALA A 181 1.92 -9.63 -1.09
N VAL A 182 1.83 -8.68 -0.17
CA VAL A 182 1.91 -7.26 -0.54
C VAL A 182 3.25 -6.96 -1.21
N THR A 183 4.34 -7.44 -0.62
CA THR A 183 5.67 -7.20 -1.18
C THR A 183 5.81 -7.88 -2.54
N GLU A 184 5.39 -9.14 -2.65
CA GLU A 184 5.49 -9.84 -3.93
C GLU A 184 4.70 -9.13 -5.01
N SER A 185 3.48 -8.70 -4.70
CA SER A 185 2.66 -8.00 -5.70
C SER A 185 3.27 -6.65 -6.06
N LEU A 186 3.74 -5.91 -5.06
CA LEU A 186 4.38 -4.63 -5.32
C LEU A 186 5.58 -4.79 -6.23
N GLN A 187 6.39 -5.84 -6.02
N GLN A 187 6.40 -5.83 -6.00
CA GLN A 187 7.55 -6.06 -6.89
CA GLN A 187 7.55 -6.08 -6.87
C GLN A 187 7.12 -6.35 -8.32
C GLN A 187 7.10 -6.32 -8.31
N LYS A 188 6.08 -7.17 -8.48
CA LYS A 188 5.59 -7.48 -9.83
C LYS A 188 5.14 -6.22 -10.57
N LEU A 189 4.50 -5.31 -9.84
CA LEU A 189 3.89 -4.14 -10.48
C LEU A 189 4.89 -3.01 -10.72
N THR A 190 5.88 -2.84 -9.86
CA THR A 190 6.82 -1.73 -9.99
C THR A 190 8.12 -2.11 -10.69
N LEU A 191 8.51 -3.38 -10.64
CA LEU A 191 9.82 -3.80 -11.14
C LEU A 191 9.69 -4.94 -12.14
N GLY A 192 8.64 -5.74 -12.00
CA GLY A 192 8.40 -6.88 -12.85
C GLY A 192 7.58 -6.54 -14.08
N SER A 193 6.90 -7.55 -14.62
CA SER A 193 6.23 -7.44 -15.91
C SER A 193 4.72 -7.39 -15.81
N ALA A 194 4.15 -7.18 -14.61
CA ALA A 194 2.71 -7.19 -14.47
C ALA A 194 2.04 -6.02 -15.19
N LEU A 195 2.74 -4.89 -15.33
CA LEU A 195 2.26 -3.76 -16.09
C LEU A 195 3.18 -3.51 -17.27
N ALA A 196 2.63 -2.96 -18.35
CA ALA A 196 3.46 -2.52 -19.46
C ALA A 196 4.37 -1.39 -18.99
N ALA A 197 5.50 -1.24 -19.71
CA ALA A 197 6.53 -0.27 -19.31
C ALA A 197 6.01 1.14 -19.06
N PRO A 198 5.21 1.77 -19.95
CA PRO A 198 4.71 3.12 -19.63
C PRO A 198 3.86 3.16 -18.37
N GLN A 199 2.99 2.16 -18.19
CA GLN A 199 2.14 2.12 -17.00
C GLN A 199 2.94 1.84 -15.74
N ARG A 200 3.96 0.98 -15.84
CA ARG A 200 4.81 0.69 -14.69
C ARG A 200 5.48 1.94 -14.17
N GLN A 201 6.05 2.76 -15.07
CA GLN A 201 6.71 3.98 -14.63
C GLN A 201 5.72 4.98 -14.05
N GLN A 202 4.49 5.04 -14.60
CA GLN A 202 3.48 5.91 -14.02
C GLN A 202 3.13 5.48 -12.60
N PHE A 203 3.02 4.16 -12.38
CA PHE A 203 2.75 3.66 -11.03
C PHE A 203 3.89 4.04 -10.08
N VAL A 204 5.13 3.84 -10.51
CA VAL A 204 6.27 4.24 -9.69
C VAL A 204 6.23 5.74 -9.41
N ASP A 205 5.93 6.55 -10.43
CA ASP A 205 5.91 8.00 -10.25
C ASP A 205 4.85 8.43 -9.25
N TRP A 206 3.67 7.81 -9.31
CA TRP A 206 2.64 8.14 -8.31
C TRP A 206 3.11 7.78 -6.90
N LEU A 207 3.70 6.59 -6.72
CA LEU A 207 4.19 6.19 -5.41
C LEU A 207 5.29 7.11 -4.92
N LYS A 208 6.18 7.54 -5.84
CA LYS A 208 7.26 8.44 -5.45
C LYS A 208 6.73 9.77 -4.95
N GLY A 209 5.57 10.20 -5.46
CA GLY A 209 4.94 11.44 -5.06
C GLY A 209 4.04 11.37 -3.85
N ASN A 210 3.97 10.22 -3.17
CA ASN A 210 3.11 10.12 -2.00
C ASN A 210 3.51 11.16 -0.95
N THR A 211 2.50 11.75 -0.30
CA THR A 211 2.71 12.79 0.70
C THR A 211 2.46 12.34 2.14
N THR A 212 1.95 11.12 2.34
CA THR A 212 1.47 10.68 3.64
C THR A 212 2.47 9.79 4.39
N GLY A 213 3.62 9.48 3.81
CA GLY A 213 4.51 8.50 4.41
C GLY A 213 5.84 8.98 4.96
N ASN A 214 5.97 10.28 5.22
CA ASN A 214 7.27 10.83 5.62
C ASN A 214 7.78 10.25 6.94
N HIS A 215 6.90 9.74 7.79
CA HIS A 215 7.30 9.24 9.10
C HIS A 215 7.36 7.73 9.18
N ARG A 216 7.21 7.03 8.06
CA ARG A 216 7.20 5.58 8.08
C ARG A 216 8.44 5.02 7.39
N ILE A 217 8.31 4.28 6.29
CA ILE A 217 9.49 3.69 5.66
C ILE A 217 10.47 4.78 5.23
N ARG A 218 9.97 5.93 4.77
CA ARG A 218 10.84 7.01 4.34
C ARG A 218 11.74 7.49 5.46
N ALA A 219 11.27 7.44 6.70
CA ALA A 219 12.10 7.86 7.82
C ALA A 219 13.21 6.86 8.12
N ALA A 220 13.18 5.68 7.50
CA ALA A 220 14.14 4.63 7.79
C ALA A 220 15.29 4.57 6.78
N VAL A 221 15.21 5.31 5.69
CA VAL A 221 16.19 5.18 4.61
C VAL A 221 17.08 6.42 4.51
N PRO A 222 18.30 6.27 3.98
CA PRO A 222 19.17 7.45 3.77
C PRO A 222 18.54 8.49 2.86
N ALA A 223 19.00 9.73 3.02
CA ALA A 223 18.39 10.85 2.31
C ALA A 223 18.57 10.77 0.80
N ASP A 224 19.59 10.07 0.32
CA ASP A 224 19.82 10.01 -1.13
C ASP A 224 19.03 8.90 -1.83
N TRP A 225 18.37 8.02 -1.09
CA TRP A 225 17.62 6.93 -1.71
C TRP A 225 16.28 7.43 -2.25
N ALA A 226 15.96 6.99 -3.46
CA ALA A 226 14.62 7.20 -4.01
C ALA A 226 13.65 6.24 -3.35
N VAL A 227 12.42 6.70 -3.10
CA VAL A 227 11.40 5.91 -2.43
C VAL A 227 10.04 6.17 -3.06
N GLY A 228 9.30 5.11 -3.33
CA GLY A 228 7.86 5.20 -3.56
C GLY A 228 7.15 4.34 -2.53
N ASP A 229 6.07 4.87 -1.95
CA ASP A 229 5.38 4.13 -0.90
C ASP A 229 3.89 4.44 -0.92
N LYS A 230 3.14 3.57 -0.24
CA LYS A 230 1.73 3.81 0.06
C LYS A 230 1.46 3.40 1.50
N THR A 231 0.85 4.30 2.27
CA THR A 231 0.53 4.06 3.66
C THR A 231 -0.91 3.56 3.82
N GLY A 232 -1.16 3.03 5.01
CA GLY A 232 -2.52 2.70 5.41
C GLY A 232 -2.70 3.00 6.89
N THR A 233 -3.85 3.56 7.26
CA THR A 233 -4.12 3.85 8.67
C THR A 233 -5.61 3.60 8.90
N CYS A 234 -5.93 2.56 9.67
CA CYS A 234 -7.33 2.21 9.90
C CYS A 234 -7.99 3.10 10.94
N GLY A 235 -7.22 3.62 11.90
CA GLY A 235 -7.74 4.47 12.94
C GLY A 235 -8.23 3.75 14.17
N VAL A 236 -8.11 2.42 14.21
CA VAL A 236 -8.56 1.61 15.33
C VAL A 236 -7.60 0.42 15.44
N TYR A 237 -7.61 -0.23 16.61
CA TYR A 237 -6.89 -1.49 16.81
C TYR A 237 -5.41 -1.39 16.48
N GLY A 238 -4.80 -0.23 16.75
CA GLY A 238 -3.38 -0.04 16.52
C GLY A 238 -2.93 -0.42 15.12
N THR A 239 -3.81 -0.25 14.15
CA THR A 239 -3.62 -0.84 12.82
C THR A 239 -3.16 0.22 11.83
N ALA A 240 -1.96 0.04 11.30
CA ALA A 240 -1.39 0.97 10.32
C ALA A 240 -0.28 0.23 9.59
N ASN A 241 0.13 0.77 8.45
CA ASN A 241 1.06 0.04 7.61
C ASN A 241 1.70 0.96 6.58
N ASP A 242 2.66 0.41 5.85
CA ASP A 242 3.32 1.10 4.77
C ASP A 242 4.02 0.04 3.94
N TYR A 243 3.99 0.21 2.62
CA TYR A 243 4.81 -0.62 1.74
C TYR A 243 5.56 0.30 0.79
N ALA A 244 6.71 -0.19 0.30
CA ALA A 244 7.56 0.72 -0.45
C ALA A 244 8.51 -0.05 -1.35
N VAL A 245 8.88 0.60 -2.45
N VAL A 245 8.93 0.62 -2.42
CA VAL A 245 10.07 0.26 -3.22
CA VAL A 245 10.08 0.20 -3.22
C VAL A 245 11.08 1.35 -2.92
C VAL A 245 11.11 1.31 -3.10
N VAL A 246 12.31 0.95 -2.63
CA VAL A 246 13.35 1.91 -2.33
C VAL A 246 14.58 1.57 -3.16
N TRP A 247 15.24 2.62 -3.66
CA TRP A 247 16.40 2.46 -4.54
C TRP A 247 17.64 3.02 -3.87
N PRO A 248 18.51 2.18 -3.30
CA PRO A 248 19.82 2.67 -2.87
C PRO A 248 20.57 3.19 -4.09
N THR A 249 21.30 4.28 -3.90
CA THR A 249 21.99 4.92 -5.01
C THR A 249 22.95 3.94 -5.70
N GLY A 250 22.75 3.75 -6.99
CA GLY A 250 23.61 2.88 -7.78
C GLY A 250 23.49 1.40 -7.49
N ARG A 251 22.41 0.94 -6.87
N ARG A 251 22.40 0.95 -6.87
CA ARG A 251 22.27 -0.48 -6.56
CA ARG A 251 22.24 -0.45 -6.48
C ARG A 251 20.83 -0.92 -6.78
C ARG A 251 20.84 -0.92 -6.82
N ALA A 252 20.62 -2.23 -6.66
CA ALA A 252 19.32 -2.82 -6.98
C ALA A 252 18.30 -2.49 -5.89
N PRO A 253 17.05 -2.26 -6.28
CA PRO A 253 16.04 -1.84 -5.29
C PRO A 253 15.67 -2.93 -4.31
N ILE A 254 15.14 -2.49 -3.17
CA ILE A 254 14.57 -3.33 -2.13
C ILE A 254 13.07 -3.07 -2.10
N VAL A 255 12.28 -4.12 -1.91
CA VAL A 255 10.83 -4.00 -1.76
C VAL A 255 10.46 -4.52 -0.38
N LEU A 256 9.60 -3.79 0.33
CA LEU A 256 9.29 -4.19 1.69
C LEU A 256 7.90 -3.71 2.08
N ALA A 257 7.33 -4.42 3.05
CA ALA A 257 6.03 -4.10 3.61
C ALA A 257 6.08 -4.27 5.12
N VAL A 258 5.49 -3.30 5.82
CA VAL A 258 5.42 -3.32 7.28
C VAL A 258 3.97 -3.07 7.67
N TYR A 259 3.35 -4.05 8.34
CA TYR A 259 1.96 -3.98 8.78
C TYR A 259 1.90 -4.18 10.29
N THR A 260 1.00 -3.45 10.95
CA THR A 260 0.80 -3.61 12.40
C THR A 260 -0.68 -3.74 12.72
N ARG A 261 -0.94 -4.37 13.86
N ARG A 261 -0.94 -4.37 13.86
CA ARG A 261 -2.26 -4.39 14.48
CA ARG A 261 -2.26 -4.37 14.49
C ARG A 261 -2.08 -4.66 15.97
C ARG A 261 -2.05 -4.48 15.99
N ALA A 262 -3.15 -4.47 16.73
CA ALA A 262 -3.09 -4.57 18.18
C ALA A 262 -4.44 -5.07 18.69
N PRO A 263 -4.49 -5.61 19.91
CA PRO A 263 -5.69 -6.34 20.34
C PRO A 263 -6.90 -5.48 20.69
N ASN A 264 -6.73 -4.24 21.14
CA ASN A 264 -7.83 -3.43 21.66
C ASN A 264 -8.22 -2.35 20.66
N LYS A 265 -9.53 -2.07 20.59
CA LYS A 265 -9.99 -1.08 19.62
C LYS A 265 -9.33 0.28 19.82
N ASP A 266 -9.11 0.67 21.07
N ASP A 266 -9.11 0.67 21.07
CA ASP A 266 -8.55 1.99 21.37
CA ASP A 266 -8.56 1.97 21.40
C ASP A 266 -7.02 2.00 21.42
C ASP A 266 -7.04 2.03 21.33
N ASP A 267 -6.36 0.91 21.05
CA ASP A 267 -4.91 0.94 20.93
C ASP A 267 -4.51 1.85 19.77
N LYS A 268 -3.49 2.67 19.99
CA LYS A 268 -3.04 3.61 18.96
C LYS A 268 -1.97 2.97 18.10
N HIS A 269 -1.99 3.29 16.80
CA HIS A 269 -0.90 2.88 15.95
C HIS A 269 0.33 3.75 16.23
N SER A 270 1.47 3.35 15.67
CA SER A 270 2.71 4.07 15.89
C SER A 270 3.49 4.14 14.58
N GLU A 271 3.69 5.35 14.07
CA GLU A 271 4.55 5.50 12.90
C GLU A 271 6.00 5.19 13.24
N ALA A 272 6.44 5.53 14.46
CA ALA A 272 7.81 5.24 14.86
C ALA A 272 8.09 3.74 14.84
N VAL A 273 7.10 2.92 15.22
CA VAL A 273 7.30 1.47 15.19
C VAL A 273 7.44 0.97 13.77
N ILE A 274 6.64 1.53 12.84
CA ILE A 274 6.77 1.15 11.44
C ILE A 274 8.16 1.50 10.91
N ALA A 275 8.64 2.72 11.21
CA ALA A 275 9.97 3.10 10.77
C ALA A 275 11.04 2.21 11.39
N ALA A 276 10.88 1.88 12.67
CA ALA A 276 11.86 1.03 13.34
C ALA A 276 11.89 -0.36 12.72
N ALA A 277 10.72 -0.91 12.40
CA ALA A 277 10.66 -2.24 11.77
C ALA A 277 11.32 -2.21 10.40
N ALA A 278 11.10 -1.14 9.64
CA ALA A 278 11.77 -0.99 8.35
C ALA A 278 13.28 -0.95 8.52
N ARG A 279 13.77 -0.24 9.53
CA ARG A 279 15.21 -0.19 9.79
C ARG A 279 15.76 -1.58 10.09
N LEU A 280 15.04 -2.36 10.93
CA LEU A 280 15.49 -3.71 11.25
C LEU A 280 15.51 -4.60 10.02
N ALA A 281 14.50 -4.47 9.16
CA ALA A 281 14.46 -5.25 7.93
C ALA A 281 15.67 -4.93 7.05
N LEU A 282 15.96 -3.64 6.87
CA LEU A 282 17.11 -3.26 6.06
C LEU A 282 18.41 -3.73 6.69
N GLU A 283 18.53 -3.62 8.01
CA GLU A 283 19.72 -4.10 8.70
C GLU A 283 19.86 -5.61 8.54
N GLY A 284 18.76 -6.35 8.62
CA GLY A 284 18.82 -7.79 8.41
C GLY A 284 19.29 -8.15 7.00
N LEU A 285 18.79 -7.41 6.00
CA LEU A 285 19.22 -7.63 4.63
C LEU A 285 20.68 -7.27 4.42
N GLY A 286 21.27 -6.51 5.33
CA GLY A 286 22.66 -6.10 5.20
C GLY A 286 22.88 -4.73 4.60
N VAL A 287 21.90 -3.84 4.67
CA VAL A 287 22.05 -2.48 4.16
C VAL A 287 21.69 -1.45 5.23
O72 SFR B . -7.68 5.44 4.65
C7 SFR B . -7.81 6.66 4.93
C6 SFR B . -7.37 7.29 6.29
N4 SFR B . -5.28 7.63 5.23
C5 SFR B . -6.36 8.28 5.98
C3 SFR B . -4.20 7.47 5.93
C2 SFR B . -4.03 8.57 6.98
S1 SFR B . -5.72 9.02 7.42
C31 SFR B . -2.95 6.85 5.34
O71 SFR B . -8.29 7.48 4.11
C61 SFR B . -8.62 7.94 6.94
O62 SFR B . -8.35 8.32 8.25
C62 SFR B . -9.81 6.98 6.94
C14 SFR B . -2.99 9.68 6.71
C15 SFR B . -3.35 10.41 5.41
C16 SFR B . -3.14 11.70 5.57
C17 SFR B . -2.68 11.92 7.10
O18 SFR B . -3.04 10.68 7.72
O32 SFR B . -2.07 6.46 6.15
O31 SFR B . -2.79 6.71 4.11
C1 GOL C . 14.47 4.78 -10.35
O1 GOL C . 14.04 5.49 -9.21
C2 GOL C . 13.30 4.62 -11.33
O2 GOL C . 12.26 5.49 -10.98
C3 GOL C . 12.81 3.18 -11.33
O3 GOL C . 11.56 3.10 -11.98
#